data_8FBE
#
_entry.id   8FBE
#
_cell.length_a   56.602
_cell.length_b   56.602
_cell.length_c   84.299
_cell.angle_alpha   90.00
_cell.angle_beta   90.00
_cell.angle_gamma   120.00
#
_symmetry.space_group_name_H-M   'P 32'
#
loop_
_entity.id
_entity.type
_entity.pdbx_description
1 polymer 'Neurotoxin complex component Orf-X1'
2 water water
#
_entity_poly.entity_id   1
_entity_poly.type   'polypeptide(L)'
_entity_poly.pdbx_seq_one_letter_code
;SELKQAFVFEFDENLSSSSGSIHLEKVKQNSSPNYDYFKITFIDGYLYIKNKSGVILDKYDLKNVISLVALKRDYLSLSL
SNNKQIKKFKNIKNKHLKNKFNLYVINEDIEKRITKNGILEEVILNK(MSE)LLSILLGNEENLLQIS
;
_entity_poly.pdbx_strand_id   A,B
#
# COMPACT_ATOMS: atom_id res chain seq x y z
N SER A 1 16.98 -20.78 -8.91
CA SER A 1 15.91 -20.20 -9.71
C SER A 1 14.62 -20.06 -8.90
N GLU A 2 14.66 -20.44 -7.62
CA GLU A 2 13.48 -20.30 -6.77
C GLU A 2 13.12 -18.83 -6.57
N LEU A 3 11.88 -18.58 -6.17
CA LEU A 3 11.44 -17.25 -5.79
C LEU A 3 12.16 -16.80 -4.52
N LYS A 4 12.71 -15.59 -4.53
CA LYS A 4 13.46 -15.10 -3.36
C LYS A 4 12.56 -14.44 -2.32
N GLN A 5 12.95 -14.58 -1.05
CA GLN A 5 12.15 -14.15 0.11
C GLN A 5 10.70 -14.57 0.01
N ALA A 6 10.50 -15.83 -0.37
CA ALA A 6 9.18 -16.38 -0.49
C ALA A 6 9.08 -17.65 0.36
N PHE A 7 7.96 -17.78 1.06
CA PHE A 7 7.79 -18.80 2.08
C PHE A 7 6.38 -19.37 2.07
N VAL A 8 6.24 -20.59 2.55
CA VAL A 8 4.92 -21.19 2.74
C VAL A 8 4.29 -20.68 4.02
N PHE A 9 2.97 -20.54 4.03
CA PHE A 9 2.22 -20.23 5.25
C PHE A 9 1.09 -21.25 5.43
N GLU A 10 0.76 -21.51 6.68
CA GLU A 10 -0.35 -22.36 7.01
C GLU A 10 -1.09 -21.75 8.18
N PHE A 11 -2.39 -21.59 8.02
CA PHE A 11 -3.23 -21.03 9.05
C PHE A 11 -4.41 -21.96 9.29
N ASP A 12 -4.56 -22.43 10.52
CA ASP A 12 -5.69 -23.29 10.84
C ASP A 12 -6.44 -22.83 12.08
N GLU A 13 -7.75 -22.66 11.92
CA GLU A 13 -8.67 -22.30 13.00
C GLU A 13 -10.01 -22.95 12.72
N ASN A 14 -10.91 -22.87 13.69
CA ASN A 14 -12.23 -23.47 13.57
C ASN A 14 -13.06 -22.89 12.43
N LEU A 15 -13.19 -21.57 12.39
CA LEU A 15 -14.11 -20.92 11.46
C LEU A 15 -13.43 -20.37 10.20
N SER A 16 -12.11 -20.53 10.11
CA SER A 16 -11.40 -20.13 8.90
C SER A 16 -10.09 -20.88 8.83
N SER A 17 -9.53 -20.95 7.62
CA SER A 17 -8.23 -21.58 7.42
C SER A 17 -7.63 -21.09 6.12
N SER A 18 -6.32 -21.21 5.98
CA SER A 18 -5.66 -20.74 4.77
C SER A 18 -4.32 -21.40 4.62
N SER A 19 -3.85 -21.52 3.39
CA SER A 19 -2.50 -21.98 3.14
C SER A 19 -2.05 -21.53 1.77
N GLY A 20 -0.75 -21.41 1.59
CA GLY A 20 -0.22 -21.01 0.31
C GLY A 20 1.21 -20.51 0.45
N SER A 21 1.55 -19.49 -0.33
CA SER A 21 2.91 -18.97 -0.38
C SER A 21 2.91 -17.45 -0.39
N ILE A 22 3.82 -16.85 0.38
CA ILE A 22 3.90 -15.40 0.42
C ILE A 22 5.31 -14.89 0.11
N HIS A 23 5.36 -13.70 -0.48
CA HIS A 23 6.59 -12.98 -0.73
C HIS A 23 6.64 -11.83 0.27
N LEU A 24 7.72 -11.72 1.01
CA LEU A 24 7.89 -10.62 1.96
C LEU A 24 8.97 -9.66 1.51
N GLU A 25 8.71 -8.37 1.72
CA GLU A 25 9.65 -7.30 1.36
C GLU A 25 9.60 -6.25 2.44
N LYS A 26 10.76 -5.73 2.81
CA LYS A 26 10.77 -4.61 3.73
C LYS A 26 10.30 -3.37 2.97
N VAL A 27 9.61 -2.47 3.66
CA VAL A 27 9.05 -1.28 3.04
C VAL A 27 9.67 -0.02 3.64
N LYS A 28 10.29 0.80 2.82
CA LYS A 28 10.90 2.05 3.32
C LYS A 28 9.80 3.00 3.79
N GLN A 29 10.03 3.69 4.91
CA GLN A 29 9.03 4.60 5.47
C GLN A 29 9.63 5.46 6.59
N ASN A 30 8.99 6.62 6.83
CA ASN A 30 9.41 7.53 7.89
C ASN A 30 8.31 7.82 8.91
N SER A 31 7.14 7.24 8.72
CA SER A 31 6.02 7.57 9.61
C SER A 31 6.20 6.98 11.01
N SER A 32 6.88 5.83 11.10
CA SER A 32 7.04 5.09 12.36
C SER A 32 8.48 4.61 12.54
N PRO A 33 9.37 5.52 12.94
CA PRO A 33 10.81 5.22 13.00
C PRO A 33 11.19 4.06 13.93
N ASN A 34 10.32 3.72 14.88
CA ASN A 34 10.63 2.64 15.81
C ASN A 34 10.10 1.31 15.32
N TYR A 35 9.52 1.32 14.11
CA TYR A 35 8.92 0.13 13.51
C TYR A 35 9.56 -0.22 12.16
N ASP A 36 9.51 -1.51 11.80
CA ASP A 36 9.78 -1.94 10.43
C ASP A 36 8.45 -2.30 9.80
N TYR A 37 8.28 -1.87 8.56
CA TYR A 37 7.10 -2.23 7.77
C TYR A 37 7.42 -3.38 6.84
N PHE A 38 6.48 -4.32 6.69
CA PHE A 38 6.66 -5.39 5.71
C PHE A 38 5.47 -5.48 4.79
N LYS A 39 5.76 -5.59 3.49
CA LYS A 39 4.74 -5.88 2.50
C LYS A 39 4.68 -7.39 2.27
N ILE A 40 3.48 -7.95 2.30
CA ILE A 40 3.25 -9.37 2.09
C ILE A 40 2.45 -9.48 0.81
N THR A 41 3.00 -10.14 -0.20
CA THR A 41 2.27 -10.36 -1.43
C THR A 41 1.97 -11.84 -1.52
N PHE A 42 0.69 -12.18 -1.70
CA PHE A 42 0.33 -13.58 -1.79
C PHE A 42 0.62 -14.09 -3.20
N ILE A 43 1.51 -15.08 -3.28
CA ILE A 43 1.88 -15.70 -4.54
C ILE A 43 0.85 -16.72 -4.97
N ASP A 44 0.34 -17.46 -3.99
N ASP A 44 0.39 -17.49 -3.99
CA ASP A 44 -0.74 -18.40 -4.27
CA ASP A 44 -0.56 -18.58 -4.21
C ASP A 44 -1.32 -18.88 -2.96
C ASP A 44 -1.30 -18.90 -2.92
N GLY A 45 -2.51 -19.45 -3.03
CA GLY A 45 -3.20 -19.93 -1.85
C GLY A 45 -4.66 -19.54 -1.80
N TYR A 46 -5.39 -20.20 -0.91
CA TYR A 46 -6.81 -19.97 -0.74
C TYR A 46 -7.13 -19.65 0.71
N LEU A 47 -8.09 -18.76 0.90
CA LEU A 47 -8.64 -18.45 2.22
C LEU A 47 -10.00 -19.15 2.30
N TYR A 48 -10.18 -19.98 3.33
CA TYR A 48 -11.46 -20.69 3.50
C TYR A 48 -12.23 -20.12 4.66
N ILE A 49 -13.53 -19.91 4.45
CA ILE A 49 -14.40 -19.52 5.54
C ILE A 49 -15.35 -20.67 5.81
N LYS A 50 -15.46 -21.06 7.07
CA LYS A 50 -16.24 -22.24 7.43
C LYS A 50 -17.35 -21.89 8.41
N ASN A 51 -18.43 -22.65 8.39
CA ASN A 51 -19.43 -22.48 9.44
C ASN A 51 -18.98 -23.31 10.63
N LYS A 52 -19.76 -23.26 11.70
CA LYS A 52 -19.40 -23.97 12.92
C LYS A 52 -19.41 -25.49 12.70
N SER A 53 -20.10 -25.93 11.65
CA SER A 53 -20.18 -27.35 11.34
C SER A 53 -18.91 -27.87 10.65
N GLY A 54 -17.95 -26.98 10.39
CA GLY A 54 -16.71 -27.38 9.76
C GLY A 54 -16.85 -27.41 8.25
N VAL A 55 -18.03 -27.01 7.80
CA VAL A 55 -18.36 -26.95 6.38
C VAL A 55 -17.80 -25.69 5.74
N ILE A 56 -17.05 -25.85 4.64
CA ILE A 56 -16.56 -24.70 3.90
C ILE A 56 -17.72 -23.94 3.24
N LEU A 57 -17.84 -22.66 3.58
CA LEU A 57 -18.90 -21.79 3.06
C LEU A 57 -18.41 -21.04 1.84
N ASP A 58 -17.19 -20.54 1.94
CA ASP A 58 -16.58 -19.75 0.88
C ASP A 58 -15.11 -20.06 0.71
N LYS A 59 -14.64 -19.89 -0.52
CA LYS A 59 -13.26 -20.12 -0.89
C LYS A 59 -12.77 -18.90 -1.66
N TYR A 60 -11.69 -18.28 -1.19
CA TYR A 60 -11.14 -17.09 -1.83
C TYR A 60 -9.71 -17.29 -2.32
N ASP A 61 -9.48 -16.99 -3.59
CA ASP A 61 -8.12 -17.02 -4.14
C ASP A 61 -7.35 -15.82 -3.63
N LEU A 62 -6.23 -16.07 -2.94
CA LEU A 62 -5.40 -15.01 -2.36
C LEU A 62 -4.40 -14.40 -3.34
N LYS A 63 -4.25 -15.00 -4.52
CA LYS A 63 -3.20 -14.59 -5.44
C LYS A 63 -3.23 -13.11 -5.74
N ASN A 64 -2.08 -12.46 -5.58
CA ASN A 64 -1.84 -11.02 -5.81
C ASN A 64 -2.44 -10.08 -4.75
N VAL A 65 -3.04 -10.62 -3.70
CA VAL A 65 -3.41 -9.79 -2.56
C VAL A 65 -2.13 -9.22 -1.96
N ILE A 66 -2.16 -7.93 -1.64
CA ILE A 66 -1.03 -7.27 -0.99
C ILE A 66 -1.46 -6.79 0.40
N SER A 67 -0.72 -7.20 1.42
CA SER A 67 -0.98 -6.82 2.82
C SER A 67 0.20 -6.02 3.34
N LEU A 68 -0.07 -5.14 4.29
CA LEU A 68 1.00 -4.33 4.90
C LEU A 68 0.95 -4.45 6.41
N VAL A 69 2.06 -4.81 7.03
CA VAL A 69 2.09 -4.97 8.49
C VAL A 69 3.30 -4.27 9.07
N ALA A 70 3.31 -4.10 10.39
CA ALA A 70 4.40 -3.41 11.05
C ALA A 70 4.65 -3.98 12.44
N LEU A 71 5.90 -3.94 12.89
CA LEU A 71 6.19 -4.33 14.28
C LEU A 71 7.38 -3.54 14.81
N LYS A 72 7.49 -3.45 16.13
CA LYS A 72 8.56 -2.69 16.77
C LYS A 72 9.94 -3.27 16.48
N ARG A 73 10.93 -2.40 16.25
CA ARG A 73 12.27 -2.85 15.85
C ARG A 73 13.03 -3.61 16.94
N ASP A 74 12.41 -3.76 18.10
CA ASP A 74 13.00 -4.61 19.15
C ASP A 74 13.13 -6.06 18.69
N TYR A 75 12.35 -6.46 17.69
CA TYR A 75 12.42 -7.83 17.19
C TYR A 75 13.81 -8.11 16.58
N LEU A 76 14.53 -7.06 16.22
CA LEU A 76 15.87 -7.23 15.65
C LEU A 76 16.87 -7.83 16.66
N SER A 77 16.50 -7.78 17.93
CA SER A 77 17.32 -8.36 19.00
C SER A 77 17.21 -9.89 19.09
N LEU A 78 16.24 -10.45 18.38
CA LEU A 78 16.06 -11.90 18.37
C LEU A 78 17.28 -12.62 17.81
N SER A 79 17.60 -13.79 18.35
CA SER A 79 18.66 -14.61 17.79
C SER A 79 18.20 -15.18 16.47
N LEU A 80 19.15 -15.49 15.60
CA LEU A 80 18.86 -15.97 14.25
C LEU A 80 18.30 -17.39 14.31
N SER A 81 17.60 -17.80 13.25
CA SER A 81 16.95 -19.10 13.25
C SER A 81 17.79 -20.36 13.25
N ASN A 82 19.11 -20.23 13.38
CA ASN A 82 20.04 -21.36 13.26
C ASN A 82 20.00 -22.20 11.97
N ASN A 83 19.52 -21.63 10.86
CA ASN A 83 19.38 -22.36 9.58
C ASN A 83 18.73 -23.73 9.72
N LYS A 84 17.94 -23.87 10.78
CA LYS A 84 17.41 -25.14 11.25
C LYS A 84 16.80 -25.94 10.12
N GLN A 85 15.79 -25.34 9.50
CA GLN A 85 15.18 -25.90 8.32
C GLN A 85 14.63 -24.74 7.50
N ILE A 86 13.79 -25.08 6.53
CA ILE A 86 13.16 -24.06 5.70
C ILE A 86 12.20 -23.23 6.56
N LYS A 87 12.29 -21.91 6.50
CA LYS A 87 11.40 -21.05 7.28
C LYS A 87 9.99 -21.07 6.70
N LYS A 88 9.01 -21.18 7.60
CA LYS A 88 7.60 -21.18 7.23
C LYS A 88 6.82 -20.33 8.21
N PHE A 89 5.61 -19.93 7.82
CA PHE A 89 4.77 -19.09 8.68
C PHE A 89 3.50 -19.82 9.05
N LYS A 90 3.54 -20.57 10.16
CA LYS A 90 2.37 -21.32 10.59
C LYS A 90 1.96 -20.91 11.99
N ASN A 91 0.66 -20.96 12.24
CA ASN A 91 0.18 -20.83 13.62
C ASN A 91 0.10 -22.22 14.28
N ILE A 92 -0.27 -22.24 15.57
CA ILE A 92 -0.69 -23.47 16.24
C ILE A 92 -2.14 -23.25 16.65
N LYS A 93 -3.06 -24.10 16.21
CA LYS A 93 -4.49 -23.81 16.36
C LYS A 93 -4.90 -23.58 17.80
N ASN A 94 -5.66 -22.50 18.02
CA ASN A 94 -6.18 -22.13 19.34
C ASN A 94 -5.09 -21.64 20.29
N LYS A 95 -3.84 -21.66 19.85
CA LYS A 95 -2.76 -21.07 20.65
C LYS A 95 -2.57 -19.62 20.24
N HIS A 96 -3.07 -18.71 21.06
CA HIS A 96 -2.90 -17.29 20.78
C HIS A 96 -1.69 -16.76 21.55
N LEU A 97 -0.60 -16.56 20.81
CA LEU A 97 0.65 -16.14 21.41
C LEU A 97 0.58 -14.69 21.85
N LYS A 98 1.40 -14.33 22.83
CA LYS A 98 1.54 -12.93 23.17
C LYS A 98 2.19 -12.17 22.02
N ASN A 99 1.80 -10.91 21.91
CA ASN A 99 2.30 -10.04 20.85
C ASN A 99 3.42 -9.19 21.44
N LYS A 100 4.65 -9.71 21.36
CA LYS A 100 5.78 -9.11 22.07
C LYS A 100 6.23 -7.79 21.46
N PHE A 101 6.02 -7.62 20.16
CA PHE A 101 6.59 -6.47 19.47
C PHE A 101 5.54 -5.52 18.90
N ASN A 102 4.33 -5.63 19.40
CA ASN A 102 3.21 -4.83 18.88
C ASN A 102 3.07 -4.96 17.38
N LEU A 103 3.18 -6.19 16.89
CA LEU A 103 2.85 -6.47 15.50
C LEU A 103 1.40 -6.05 15.23
N TYR A 104 1.19 -5.34 14.14
CA TYR A 104 -0.18 -4.98 13.77
C TYR A 104 -0.32 -4.87 12.26
N VAL A 105 -1.55 -4.99 11.80
CA VAL A 105 -1.84 -4.88 10.37
C VAL A 105 -2.20 -3.44 9.99
N ILE A 106 -1.44 -2.87 9.06
CA ILE A 106 -1.73 -1.54 8.55
C ILE A 106 -2.85 -1.60 7.52
N ASN A 107 -2.79 -2.60 6.64
CA ASN A 107 -3.81 -2.77 5.63
C ASN A 107 -3.79 -4.24 5.21
N GLU A 108 -4.89 -4.96 5.39
N GLU A 108 -4.90 -4.95 5.39
CA GLU A 108 -4.85 -6.40 5.11
CA GLU A 108 -4.91 -6.38 5.13
C GLU A 108 -4.99 -6.73 3.63
C GLU A 108 -5.02 -6.74 3.65
N ASP A 109 -5.41 -5.76 2.83
CA ASP A 109 -5.76 -6.01 1.43
C ASP A 109 -5.84 -4.67 0.70
N ILE A 110 -4.71 -4.22 0.16
CA ILE A 110 -4.59 -2.85 -0.35
C ILE A 110 -5.53 -2.54 -1.54
N GLU A 111 -5.80 -3.55 -2.37
CA GLU A 111 -6.72 -3.36 -3.49
C GLU A 111 -8.12 -3.92 -3.21
N LYS A 112 -8.32 -4.38 -1.99
CA LYS A 112 -9.60 -4.97 -1.55
C LYS A 112 -10.05 -6.09 -2.47
N ARG A 113 -9.10 -6.93 -2.88
CA ARG A 113 -9.42 -8.07 -3.73
C ARG A 113 -10.39 -9.03 -3.06
N ILE A 114 -10.20 -9.21 -1.76
CA ILE A 114 -11.07 -10.10 -1.00
C ILE A 114 -12.01 -9.31 -0.11
N THR A 115 -11.49 -8.25 0.50
CA THR A 115 -12.25 -7.56 1.54
C THR A 115 -13.45 -6.78 1.00
N LYS A 116 -13.49 -6.57 -0.31
CA LYS A 116 -14.67 -5.97 -0.94
C LYS A 116 -15.94 -6.83 -0.71
N ASN A 117 -15.75 -8.11 -0.40
CA ASN A 117 -16.87 -9.01 -0.13
C ASN A 117 -17.58 -8.70 1.18
N GLY A 118 -16.89 -8.01 2.08
CA GLY A 118 -17.51 -7.64 3.34
C GLY A 118 -16.61 -7.56 4.55
N ILE A 119 -17.19 -7.06 5.61
CA ILE A 119 -16.56 -6.87 6.85
C ILE A 119 -15.95 -8.14 7.41
N LEU A 120 -16.72 -9.20 7.38
CA LEU A 120 -16.27 -10.51 7.85
C LEU A 120 -14.91 -10.89 7.24
N GLU A 121 -14.79 -10.72 5.92
CA GLU A 121 -13.55 -11.04 5.20
C GLU A 121 -12.36 -10.21 5.69
N GLU A 122 -12.62 -8.94 5.97
CA GLU A 122 -11.63 -8.03 6.55
C GLU A 122 -11.07 -8.56 7.87
N VAL A 123 -11.98 -8.86 8.78
CA VAL A 123 -11.65 -9.36 10.11
C VAL A 123 -10.87 -10.66 10.01
N ILE A 124 -11.34 -11.57 9.17
CA ILE A 124 -10.69 -12.86 9.00
C ILE A 124 -9.26 -12.71 8.45
N LEU A 125 -9.08 -11.85 7.45
CA LEU A 125 -7.75 -11.68 6.87
C LEU A 125 -6.83 -11.06 7.90
N ASN A 126 -7.37 -10.15 8.71
CA ASN A 126 -6.57 -9.50 9.73
C ASN A 126 -6.09 -10.54 10.76
N LYS A 127 -7.00 -11.37 11.24
CA LYS A 127 -6.67 -12.40 12.20
C LYS A 127 -5.68 -13.42 11.61
N MSE A 128 -5.84 -13.75 10.33
CA MSE A 128 -4.94 -14.71 9.70
C MSE A 128 -3.52 -14.17 9.60
O MSE A 128 -2.54 -14.91 9.83
CB MSE A 128 -5.44 -15.08 8.30
CG MSE A 128 -4.56 -16.16 7.66
SE MSE A 128 -3.31 -15.50 6.30
CE MSE A 128 -4.67 -15.48 4.87
N LEU A 129 -3.41 -12.89 9.25
CA LEU A 129 -2.12 -12.28 9.11
C LEU A 129 -1.40 -12.29 10.47
N LEU A 130 -2.10 -11.92 11.53
CA LEU A 130 -1.46 -11.92 12.85
C LEU A 130 -1.09 -13.34 13.27
N SER A 131 -1.97 -14.29 12.97
CA SER A 131 -1.77 -15.68 13.41
C SER A 131 -0.56 -16.36 12.75
N ILE A 132 -0.32 -16.06 11.47
CA ILE A 132 0.81 -16.72 10.80
C ILE A 132 2.12 -15.99 11.11
N LEU A 133 2.03 -14.77 11.64
CA LEU A 133 3.23 -14.01 11.94
C LEU A 133 3.69 -14.11 13.39
N LEU A 134 2.77 -14.05 14.34
CA LEU A 134 3.13 -14.12 15.76
C LEU A 134 3.81 -15.44 16.13
N GLY A 135 4.96 -15.34 16.82
CA GLY A 135 5.74 -16.52 17.14
C GLY A 135 6.77 -16.79 16.08
N ASN A 136 6.60 -16.16 14.92
CA ASN A 136 7.48 -16.39 13.79
C ASN A 136 8.28 -15.15 13.38
N GLU A 137 8.40 -14.19 14.29
CA GLU A 137 9.03 -12.92 13.97
C GLU A 137 10.52 -13.07 13.66
N GLU A 138 11.16 -14.13 14.17
CA GLU A 138 12.56 -14.29 13.83
C GLU A 138 12.73 -14.61 12.33
N ASN A 139 11.66 -15.08 11.68
CA ASN A 139 11.70 -15.29 10.22
C ASN A 139 11.88 -13.98 9.43
N LEU A 140 11.61 -12.86 10.08
CA LEU A 140 11.70 -11.56 9.43
C LEU A 140 13.12 -10.98 9.46
N LEU A 141 14.02 -11.63 10.19
CA LEU A 141 15.33 -11.05 10.47
C LEU A 141 16.23 -10.79 9.27
N GLN A 142 16.20 -11.64 8.27
CA GLN A 142 17.07 -11.38 7.13
C GLN A 142 16.23 -11.09 5.90
N ILE A 143 15.09 -10.44 6.17
CA ILE A 143 14.18 -10.00 5.12
C ILE A 143 14.51 -8.58 4.80
N SER A 144 14.85 -8.34 3.54
N SER A 144 14.93 -8.43 3.55
CA SER A 144 15.09 -6.97 3.10
CA SER A 144 15.04 -7.13 2.98
C SER A 144 14.12 -6.58 2.00
C SER A 144 13.99 -6.71 1.96
N SER B 1 21.21 18.96 2.41
CA SER B 1 21.03 18.33 1.11
C SER B 1 19.56 18.01 0.85
N GLU B 2 19.15 18.17 -0.40
CA GLU B 2 17.74 18.08 -0.77
C GLU B 2 17.16 16.69 -0.59
N LEU B 3 15.83 16.61 -0.51
CA LEU B 3 15.14 15.34 -0.52
C LEU B 3 15.03 14.87 -1.97
N LYS B 4 15.66 13.76 -2.29
CA LYS B 4 15.63 13.27 -3.67
C LYS B 4 14.25 12.74 -4.00
N GLN B 5 13.88 12.93 -5.25
CA GLN B 5 12.58 12.50 -5.80
C GLN B 5 11.40 13.11 -5.03
N ALA B 6 11.60 14.34 -4.56
CA ALA B 6 10.51 15.09 -3.94
C ALA B 6 10.18 16.30 -4.81
N PHE B 7 8.89 16.65 -4.83
CA PHE B 7 8.35 17.67 -5.71
C PHE B 7 7.25 18.46 -5.04
N VAL B 8 7.10 19.71 -5.47
CA VAL B 8 5.92 20.49 -5.10
C VAL B 8 4.72 20.06 -5.95
N PHE B 9 3.52 20.01 -5.33
CA PHE B 9 2.29 19.85 -6.11
C PHE B 9 1.34 21.01 -5.83
N GLU B 10 0.53 21.33 -6.83
CA GLU B 10 -0.46 22.40 -6.71
C GLU B 10 -1.73 21.95 -7.44
N PHE B 11 -2.85 21.95 -6.72
CA PHE B 11 -4.12 21.43 -7.25
C PHE B 11 -5.22 22.44 -6.96
N ASP B 12 -5.99 22.80 -7.99
CA ASP B 12 -7.10 23.71 -7.80
C ASP B 12 -8.26 23.33 -8.70
N GLU B 13 -9.43 23.15 -8.10
CA GLU B 13 -10.64 22.89 -8.84
C GLU B 13 -11.79 23.65 -8.17
N ASN B 14 -12.99 23.48 -8.72
CA ASN B 14 -14.15 24.20 -8.21
C ASN B 14 -14.46 23.86 -6.76
N LEU B 15 -14.45 22.57 -6.43
CA LEU B 15 -14.91 22.13 -5.11
C LEU B 15 -13.78 21.65 -4.21
N SER B 16 -12.55 21.71 -4.70
CA SER B 16 -11.41 21.34 -3.86
C SER B 16 -10.11 21.97 -4.35
N SER B 17 -9.13 22.03 -3.45
CA SER B 17 -7.80 22.50 -3.81
C SER B 17 -6.78 21.97 -2.81
N SER B 18 -5.52 21.97 -3.20
N SER B 18 -5.52 21.97 -3.20
CA SER B 18 -4.47 21.47 -2.33
CA SER B 18 -4.46 21.51 -2.30
C SER B 18 -3.10 21.88 -2.85
C SER B 18 -3.10 21.92 -2.83
N SER B 19 -2.13 21.99 -1.94
CA SER B 19 -0.75 22.23 -2.34
C SER B 19 0.15 21.64 -1.29
N GLY B 20 1.37 21.32 -1.66
CA GLY B 20 2.31 20.82 -0.68
C GLY B 20 3.50 20.21 -1.38
N SER B 21 4.06 19.17 -0.78
CA SER B 21 5.19 18.45 -1.34
C SER B 21 4.96 16.96 -1.26
N ILE B 22 5.40 16.24 -2.29
CA ILE B 22 5.26 14.79 -2.34
C ILE B 22 6.59 14.13 -2.69
N HIS B 23 6.78 12.95 -2.14
CA HIS B 23 7.94 12.11 -2.46
C HIS B 23 7.43 10.96 -3.32
N LEU B 24 8.13 10.68 -4.42
CA LEU B 24 7.72 9.60 -5.32
C LEU B 24 8.76 8.46 -5.32
N GLU B 25 8.29 7.23 -5.23
N GLU B 25 8.26 7.24 -5.24
CA GLU B 25 9.16 6.05 -5.33
CA GLU B 25 9.07 6.02 -5.27
C GLU B 25 8.52 5.03 -6.26
C GLU B 25 8.49 5.04 -6.28
N LYS B 26 9.34 4.41 -7.08
CA LYS B 26 8.83 3.31 -7.91
C LYS B 26 8.61 2.11 -7.00
N VAL B 27 7.56 1.35 -7.25
CA VAL B 27 7.26 0.15 -6.50
C VAL B 27 7.42 -1.08 -7.39
N LYS B 28 8.31 -1.98 -6.99
CA LYS B 28 8.60 -3.18 -7.77
C LYS B 28 7.44 -4.18 -7.65
N GLN B 29 7.03 -4.74 -8.77
CA GLN B 29 5.90 -5.68 -8.78
C GLN B 29 5.97 -6.49 -10.05
N ASN B 30 5.44 -7.71 -10.02
CA ASN B 30 5.41 -8.55 -11.21
C ASN B 30 3.98 -9.00 -11.57
N SER B 31 3.00 -8.35 -10.96
CA SER B 31 1.59 -8.63 -11.20
C SER B 31 1.10 -8.10 -12.55
N SER B 32 1.62 -6.93 -12.93
CA SER B 32 1.17 -6.23 -14.14
C SER B 32 2.35 -5.73 -14.94
N PRO B 33 2.89 -6.57 -15.82
CA PRO B 33 4.15 -6.29 -16.55
C PRO B 33 4.12 -5.02 -17.40
N ASN B 34 2.94 -4.63 -17.88
CA ASN B 34 2.87 -3.46 -18.75
C ASN B 34 2.69 -2.17 -17.97
N TYR B 35 2.68 -2.24 -16.64
CA TYR B 35 2.50 -1.06 -15.81
C TYR B 35 3.66 -0.80 -14.88
N ASP B 36 3.94 0.48 -14.61
CA ASP B 36 4.83 0.85 -13.52
C ASP B 36 3.96 1.32 -12.35
N TYR B 37 4.28 0.85 -11.14
CA TYR B 37 3.62 1.35 -9.94
C TYR B 37 4.46 2.43 -9.26
N PHE B 38 3.79 3.46 -8.74
CA PHE B 38 4.46 4.49 -7.96
C PHE B 38 3.79 4.73 -6.64
N LYS B 39 4.62 4.91 -5.61
CA LYS B 39 4.14 5.26 -4.29
C LYS B 39 4.30 6.77 -4.12
N ILE B 40 3.24 7.45 -3.70
CA ILE B 40 3.28 8.88 -3.45
C ILE B 40 3.12 9.13 -1.95
N THR B 41 4.14 9.72 -1.32
CA THR B 41 4.03 10.02 0.11
C THR B 41 3.90 11.53 0.27
N PHE B 42 2.85 11.96 0.93
CA PHE B 42 2.68 13.39 1.16
C PHE B 42 3.56 13.83 2.30
N ILE B 43 4.49 14.74 1.99
CA ILE B 43 5.46 15.22 2.97
C ILE B 43 4.82 16.35 3.78
N ASP B 44 4.01 17.15 3.09
N ASP B 44 4.07 17.20 3.09
CA ASP B 44 3.43 18.36 3.64
CA ASP B 44 3.34 18.27 3.73
C ASP B 44 2.28 18.81 2.75
C ASP B 44 2.28 18.78 2.77
N GLY B 45 1.26 19.41 3.33
CA GLY B 45 0.19 19.95 2.52
C GLY B 45 -1.18 19.73 3.11
N TYR B 46 -2.11 20.58 2.72
CA TYR B 46 -3.48 20.47 3.15
C TYR B 46 -4.36 20.27 1.93
N LEU B 47 -5.47 19.55 2.12
CA LEU B 47 -6.53 19.46 1.13
C LEU B 47 -7.69 20.31 1.60
N TYR B 48 -8.18 21.18 0.72
CA TYR B 48 -9.28 22.07 1.04
C TYR B 48 -10.54 21.67 0.30
N ILE B 49 -11.65 21.64 1.00
CA ILE B 49 -12.95 21.39 0.38
C ILE B 49 -13.71 22.71 0.28
N LYS B 50 -14.22 23.02 -0.90
CA LYS B 50 -14.99 24.24 -1.11
C LYS B 50 -16.45 23.93 -1.44
N ASN B 51 -17.33 24.89 -1.19
CA ASN B 51 -18.71 24.74 -1.65
C ASN B 51 -18.86 25.30 -3.07
N LYS B 52 -20.08 25.26 -3.58
CA LYS B 52 -20.42 25.76 -4.92
C LYS B 52 -19.91 27.17 -5.16
N SER B 53 -20.01 28.01 -4.14
CA SER B 53 -19.76 29.44 -4.28
C SER B 53 -18.26 29.75 -4.32
N GLY B 54 -17.43 28.76 -4.01
CA GLY B 54 -16.00 28.97 -3.97
C GLY B 54 -15.47 29.24 -2.57
N VAL B 55 -16.31 28.94 -1.58
CA VAL B 55 -15.95 29.18 -0.18
C VAL B 55 -15.33 27.94 0.48
N ILE B 56 -14.17 28.10 1.10
CA ILE B 56 -13.55 26.97 1.80
C ILE B 56 -14.39 26.62 3.02
N LEU B 57 -14.72 25.34 3.18
CA LEU B 57 -15.48 24.96 4.36
C LEU B 57 -14.80 23.88 5.18
N ASP B 58 -13.76 23.27 4.61
CA ASP B 58 -13.05 22.23 5.35
C ASP B 58 -11.63 22.03 4.87
N LYS B 59 -10.82 21.43 5.73
CA LYS B 59 -9.38 21.35 5.58
C LYS B 59 -8.89 20.00 6.10
N TYR B 60 -8.09 19.28 5.32
CA TYR B 60 -7.51 18.01 5.74
C TYR B 60 -5.98 18.05 5.65
N ASP B 61 -5.29 17.67 6.72
CA ASP B 61 -3.83 17.57 6.69
C ASP B 61 -3.44 16.29 5.94
N LEU B 62 -2.72 16.45 4.82
CA LEU B 62 -2.30 15.32 4.03
C LEU B 62 -1.02 14.67 4.54
N LYS B 63 -0.37 15.29 5.52
CA LYS B 63 0.95 14.82 5.93
C LYS B 63 0.95 13.31 6.23
N ASN B 64 1.90 12.61 5.59
CA ASN B 64 2.14 11.18 5.76
C ASN B 64 1.12 10.25 5.09
N VAL B 65 0.12 10.80 4.40
CA VAL B 65 -0.71 9.95 3.53
C VAL B 65 0.18 9.29 2.48
N ILE B 66 -0.06 7.99 2.26
CA ILE B 66 0.66 7.21 1.27
C ILE B 66 -0.33 6.72 0.23
N SER B 67 -0.10 7.10 -1.02
CA SER B 67 -0.96 6.73 -2.15
C SER B 67 -0.19 5.84 -3.09
N LEU B 68 -0.91 4.98 -3.80
N LEU B 68 -0.89 4.93 -3.74
CA LEU B 68 -0.31 4.06 -4.76
CA LEU B 68 -0.31 4.07 -4.78
C LEU B 68 -1.02 4.20 -6.10
C LEU B 68 -1.02 4.28 -6.09
N VAL B 69 -0.27 4.46 -7.17
CA VAL B 69 -0.86 4.61 -8.49
C VAL B 69 -0.09 3.76 -9.52
N ALA B 70 -0.67 3.61 -10.71
CA ALA B 70 -0.03 2.80 -11.76
C ALA B 70 -0.37 3.37 -13.13
N LEU B 71 0.56 3.24 -14.08
CA LEU B 71 0.27 3.65 -15.46
C LEU B 71 1.05 2.77 -16.44
N LYS B 72 0.62 2.74 -17.70
CA LYS B 72 1.29 1.89 -18.70
C LYS B 72 2.72 2.36 -19.01
N ARG B 73 3.61 1.41 -19.25
CA ARG B 73 5.02 1.73 -19.42
C ARG B 73 5.34 2.48 -20.71
N ASP B 74 4.33 2.72 -21.54
CA ASP B 74 4.52 3.56 -22.72
C ASP B 74 4.96 4.98 -22.37
N TYR B 75 4.72 5.41 -21.13
CA TYR B 75 5.13 6.77 -20.71
C TYR B 75 6.66 6.90 -20.78
N LEU B 76 7.36 5.76 -20.70
CA LEU B 76 8.82 5.80 -20.67
C LEU B 76 9.41 6.30 -21.98
N SER B 77 8.60 6.26 -23.05
CA SER B 77 9.03 6.73 -24.36
C SER B 77 8.89 8.25 -24.56
N LEU B 78 8.39 8.95 -23.53
CA LEU B 78 8.21 10.41 -23.56
C LEU B 78 9.56 11.15 -23.63
N SER B 79 9.51 12.46 -23.87
CA SER B 79 10.72 13.31 -23.96
C SER B 79 10.93 14.17 -22.70
N LEU B 80 12.19 14.49 -22.40
CA LEU B 80 12.58 14.83 -21.03
C LEU B 80 12.84 16.29 -20.70
N SER B 81 11.76 17.08 -20.72
CA SER B 81 11.67 18.37 -20.02
C SER B 81 12.52 19.52 -20.59
N ASN B 82 12.39 19.81 -21.88
CA ASN B 82 13.15 20.93 -22.45
C ASN B 82 12.39 22.27 -22.40
N ASN B 83 11.99 22.70 -21.21
CA ASN B 83 11.14 23.88 -21.08
C ASN B 83 11.61 24.67 -19.85
N LYS B 84 11.54 24.03 -18.69
CA LYS B 84 11.92 24.65 -17.43
C LYS B 84 12.92 23.69 -16.77
N GLN B 85 13.23 23.89 -15.50
CA GLN B 85 14.20 23.01 -14.86
C GLN B 85 13.63 22.25 -13.66
N ILE B 86 13.12 22.97 -12.68
CA ILE B 86 12.50 22.32 -11.54
C ILE B 86 11.09 21.87 -11.91
N LYS B 87 10.91 20.57 -12.04
CA LYS B 87 9.60 19.99 -12.36
C LYS B 87 8.64 20.01 -11.16
N LYS B 88 7.36 20.27 -11.44
CA LYS B 88 6.31 20.32 -10.42
C LYS B 88 5.10 19.48 -10.84
N PHE B 89 4.21 19.17 -9.90
CA PHE B 89 2.97 18.50 -10.26
C PHE B 89 1.79 19.46 -10.09
N LYS B 90 1.45 20.11 -11.18
CA LYS B 90 0.43 21.12 -11.17
C LYS B 90 -0.69 20.71 -12.12
N ASN B 91 -1.94 20.91 -11.72
CA ASN B 91 -3.03 20.84 -12.70
C ASN B 91 -3.39 22.24 -13.17
N ILE B 92 -4.39 22.32 -14.05
CA ILE B 92 -5.00 23.59 -14.41
C ILE B 92 -6.49 23.53 -14.10
N LYS B 93 -6.98 24.50 -13.34
CA LYS B 93 -8.39 24.51 -12.94
C LYS B 93 -9.29 24.41 -14.17
N ASN B 94 -10.26 23.51 -14.08
CA ASN B 94 -11.27 23.30 -15.12
C ASN B 94 -10.73 22.80 -16.46
N LYS B 95 -9.49 22.30 -16.47
CA LYS B 95 -8.94 21.65 -17.67
C LYS B 95 -8.67 20.19 -17.40
N HIS B 96 -9.39 19.33 -18.10
CA HIS B 96 -9.30 17.88 -17.86
C HIS B 96 -8.67 17.20 -19.06
N LEU B 97 -7.43 16.77 -18.89
CA LEU B 97 -6.62 16.24 -19.98
C LEU B 97 -6.97 14.79 -20.30
N LYS B 98 -6.54 14.34 -21.48
CA LYS B 98 -6.60 12.94 -21.82
C LYS B 98 -5.70 12.12 -20.89
N ASN B 99 -6.14 10.90 -20.62
CA ASN B 99 -5.36 9.94 -19.84
C ASN B 99 -4.61 9.03 -20.80
N LYS B 100 -3.45 9.48 -21.26
CA LYS B 100 -2.78 8.78 -22.36
C LYS B 100 -2.26 7.39 -21.97
N PHE B 101 -1.92 7.18 -20.69
CA PHE B 101 -1.24 5.97 -20.28
C PHE B 101 -2.06 5.09 -19.33
N ASN B 102 -3.36 5.33 -19.28
CA ASN B 102 -4.27 4.61 -18.38
C ASN B 102 -3.79 4.64 -16.95
N LEU B 103 -3.37 5.81 -16.50
CA LEU B 103 -3.05 6.05 -15.11
C LEU B 103 -4.28 5.78 -14.25
N TYR B 104 -4.11 5.05 -13.14
CA TYR B 104 -5.21 4.84 -12.22
C TYR B 104 -4.68 4.72 -10.81
N VAL B 105 -5.57 4.92 -9.84
CA VAL B 105 -5.19 4.87 -8.43
C VAL B 105 -5.42 3.47 -7.88
N ILE B 106 -4.35 2.87 -7.37
CA ILE B 106 -4.47 1.57 -6.73
C ILE B 106 -5.10 1.71 -5.35
N ASN B 107 -4.61 2.70 -4.60
CA ASN B 107 -5.19 3.00 -3.28
C ASN B 107 -4.83 4.43 -2.90
N GLU B 108 -5.85 5.22 -2.57
CA GLU B 108 -5.66 6.64 -2.26
C GLU B 108 -4.87 6.96 -0.99
N ASP B 109 -4.91 6.05 -0.03
CA ASP B 109 -4.52 6.33 1.34
C ASP B 109 -4.40 4.98 2.03
N ILE B 110 -3.23 4.38 1.94
CA ILE B 110 -3.03 2.99 2.39
C ILE B 110 -3.32 2.79 3.88
N GLU B 111 -2.96 3.78 4.69
CA GLU B 111 -3.15 3.65 6.13
C GLU B 111 -4.49 4.21 6.57
N LYS B 112 -5.26 4.71 5.60
CA LYS B 112 -6.59 5.30 5.82
C LYS B 112 -6.56 6.46 6.81
N ARG B 113 -5.48 7.23 6.74
CA ARG B 113 -5.28 8.41 7.57
C ARG B 113 -6.41 9.42 7.37
N ILE B 114 -6.95 9.49 6.17
CA ILE B 114 -7.97 10.47 5.79
C ILE B 114 -9.28 9.82 5.35
N THR B 115 -9.18 8.76 4.55
CA THR B 115 -10.36 8.16 3.93
C THR B 115 -11.22 7.39 4.93
N LYS B 116 -10.75 7.29 6.16
CA LYS B 116 -11.54 6.72 7.25
C LYS B 116 -12.79 7.58 7.50
N ASN B 117 -12.72 8.84 7.06
CA ASN B 117 -13.82 9.79 7.21
C ASN B 117 -15.01 9.53 6.28
N GLY B 118 -14.85 8.64 5.31
CA GLY B 118 -15.96 8.27 4.44
C GLY B 118 -15.60 7.99 2.98
N ILE B 119 -16.63 7.75 2.16
CA ILE B 119 -16.46 7.53 0.73
C ILE B 119 -16.21 8.86 0.02
N LEU B 120 -16.74 9.94 0.60
CA LEU B 120 -16.57 11.27 0.01
C LEU B 120 -15.09 11.62 -0.10
N GLU B 121 -14.38 11.44 1.00
CA GLU B 121 -12.95 11.74 1.06
C GLU B 121 -12.16 10.84 0.12
N GLU B 122 -12.61 9.59 0.02
CA GLU B 122 -11.98 8.61 -0.86
C GLU B 122 -12.02 9.07 -2.31
N VAL B 123 -13.19 9.55 -2.74
CA VAL B 123 -13.38 10.02 -4.10
C VAL B 123 -12.67 11.35 -4.38
N ILE B 124 -12.67 12.23 -3.38
CA ILE B 124 -11.97 13.51 -3.52
C ILE B 124 -10.47 13.29 -3.69
N LEU B 125 -9.89 12.43 -2.87
CA LEU B 125 -8.47 12.13 -2.98
C LEU B 125 -8.15 11.49 -4.32
N ASN B 126 -9.00 10.56 -4.74
CA ASN B 126 -8.82 9.93 -6.04
C ASN B 126 -8.74 10.95 -7.17
N LYS B 127 -9.70 11.87 -7.25
CA LYS B 127 -9.69 12.86 -8.33
C LYS B 127 -8.49 13.79 -8.20
N MSE B 128 -8.13 14.15 -6.97
CA MSE B 128 -6.96 14.98 -6.75
C MSE B 128 -5.67 14.34 -7.27
O MSE B 128 -4.87 15.01 -7.93
CB MSE B 128 -6.78 15.32 -5.28
CG MSE B 128 -5.45 15.97 -5.01
SE MSE B 128 -5.20 16.26 -3.13
CE MSE B 128 -3.92 14.93 -2.70
N LEU B 129 -5.48 13.06 -6.99
CA LEU B 129 -4.29 12.38 -7.45
C LEU B 129 -4.21 12.35 -8.98
N LEU B 130 -5.31 12.02 -9.63
CA LEU B 130 -5.31 11.96 -11.09
C LEU B 130 -5.01 13.33 -11.68
N SER B 131 -5.57 14.37 -11.07
CA SER B 131 -5.41 15.71 -11.60
C SER B 131 -3.99 16.24 -11.49
N ILE B 132 -3.28 15.92 -10.41
CA ILE B 132 -1.93 16.47 -10.30
C ILE B 132 -0.94 15.63 -11.10
N LEU B 133 -1.33 14.41 -11.46
CA LEU B 133 -0.47 13.50 -12.23
C LEU B 133 -0.68 13.58 -13.74
N LEU B 134 -1.94 13.62 -14.17
CA LEU B 134 -2.23 13.64 -15.61
C LEU B 134 -1.62 14.88 -16.28
N GLY B 135 -0.89 14.63 -17.36
CA GLY B 135 -0.22 15.69 -18.09
C GLY B 135 1.16 15.97 -17.55
N ASN B 136 1.49 15.35 -16.41
CA ASN B 136 2.78 15.54 -15.76
C ASN B 136 3.59 14.25 -15.73
N GLU B 137 3.21 13.29 -16.56
CA GLU B 137 3.84 11.96 -16.54
C GLU B 137 5.32 11.97 -16.88
N GLU B 138 5.77 12.99 -17.61
CA GLU B 138 7.21 13.08 -17.88
C GLU B 138 8.02 13.25 -16.58
N ASN B 139 7.40 13.74 -15.51
CA ASN B 139 8.09 13.85 -14.23
C ASN B 139 8.48 12.49 -13.68
N LEU B 140 7.80 11.45 -14.15
CA LEU B 140 8.02 10.11 -13.61
C LEU B 140 9.24 9.48 -14.25
N LEU B 141 9.74 10.09 -15.32
CA LEU B 141 10.92 9.56 -15.95
C LEU B 141 12.07 9.68 -14.95
N GLN B 142 12.88 8.62 -14.92
CA GLN B 142 13.98 8.47 -13.98
C GLN B 142 13.55 8.61 -12.50
N ILE B 143 12.27 8.35 -12.20
CA ILE B 143 11.92 8.03 -10.84
C ILE B 143 12.20 6.57 -10.66
N SER B 144 13.03 6.32 -9.65
N SER B 144 13.09 6.43 -9.67
CA SER B 144 13.43 4.97 -9.27
CA SER B 144 13.51 5.15 -9.15
C SER B 144 12.73 4.54 -8.00
C SER B 144 12.84 4.66 -7.84
#